data_8XG9
#
_entry.id   8XG9
#
_cell.length_a   83.249
_cell.length_b   84.752
_cell.length_c   92.804
_cell.angle_alpha   90.00
_cell.angle_beta   90.00
_cell.angle_gamma   90.00
#
_symmetry.space_group_name_H-M   'P 21 21 21'
#
loop_
_entity.id
_entity.type
_entity.pdbx_description
1 polymer 'Phenylacetone monooxygenase'
2 non-polymer 'FLAVIN-ADENINE DINUCLEOTIDE'
3 non-polymer 'NADP NICOTINAMIDE-ADENINE-DINUCLEOTIDE PHOSPHATE'
4 non-polymer '2-(N-MORPHOLINO)-ETHANESULFONIC ACID'
5 non-polymer 1,2-ETHANEDIOL
6 non-polymer GLYCEROL
7 water water
#
_entity_poly.entity_id   1
_entity_poly.type   'polypeptide(L)'
_entity_poly.pdbx_seq_one_letter_code
;MAGQTTVDSRRQPPEEVDVLVVGAGFSGLYALYRLRELGRSVHVIETAGDVGGVWYWNRYPGARCDIESIEYCYSFSEEV
LQEWNWTERYASQPEILRYINFVADKFDLRSGITFHTTVTAAAFDEATNTWTVDTNHGDRIRARYLIMASGQLSVPQLPN
FPGLKDFAGNLYHTGNWPHEPVDFSGQRVGVIGTGSSGIQVSPQIAKQAAELFVFQRTPHFAVPARNAPLDPEFLADLKK
RYAEFREESRNTPGGTHRYQGPKSALEVSDEELVETLERYWQEGGPDILAAYRDILRDRDANERVAEFIRNKIRNTVRDP
EVAERLVPKGYPFGTKRLILEIDYYEMFNRDNVHLVDTLSAPIETITPRGVRTSEREYELDSLVLATGFDALTGALFKID
IRGVGNVALKEKWAAGPRTYLGLSTAGFPNLFFIAGPGSPGINMLVSIEQHVEWVTDHIAYMFKNGLTRSEAVLEKEDEW
VEHVNEIADETLYPMTASWYTGANVPGKPRVFMLYVGGFHRYRQICDEVAAKGYEGFVLTHHHHHH
;
_entity_poly.pdbx_strand_id   A
#
loop_
_chem_comp.id
_chem_comp.type
_chem_comp.name
_chem_comp.formula
EDO non-polymer 1,2-ETHANEDIOL 'C2 H6 O2'
FAD non-polymer 'FLAVIN-ADENINE DINUCLEOTIDE' 'C27 H33 N9 O15 P2'
GOL non-polymer GLYCEROL 'C3 H8 O3'
MES non-polymer '2-(N-MORPHOLINO)-ETHANESULFONIC ACID' 'C6 H13 N O4 S'
NAP non-polymer 'NADP NICOTINAMIDE-ADENINE-DINUCLEOTIDE PHOSPHATE' 'C21 H28 N7 O17 P3'
#
# COMPACT_ATOMS: atom_id res chain seq x y z
N ARG A 10 7.10 -21.20 -19.02
CA ARG A 10 7.37 -19.77 -18.82
C ARG A 10 7.35 -19.03 -20.15
N ARG A 11 6.51 -17.99 -20.22
CA ARG A 11 6.39 -17.20 -21.44
C ARG A 11 7.61 -16.31 -21.61
N GLN A 12 8.35 -16.52 -22.68
CA GLN A 12 9.58 -15.77 -22.89
C GLN A 12 9.26 -14.32 -23.23
N PRO A 13 9.96 -13.35 -22.63
CA PRO A 13 9.64 -11.96 -22.93
C PRO A 13 10.12 -11.59 -24.33
N PRO A 14 9.48 -10.60 -24.95
CA PRO A 14 9.94 -10.17 -26.27
C PRO A 14 11.23 -9.37 -26.18
N GLU A 15 11.97 -9.35 -27.30
CA GLU A 15 13.22 -8.61 -27.34
C GLU A 15 12.98 -7.11 -27.46
N GLU A 16 11.97 -6.71 -28.22
CA GLU A 16 11.57 -5.32 -28.33
C GLU A 16 10.08 -5.18 -28.00
N VAL A 17 9.72 -4.04 -27.44
CA VAL A 17 8.33 -3.74 -27.11
C VAL A 17 8.22 -2.23 -26.96
N ASP A 18 7.02 -1.69 -27.19
CA ASP A 18 6.82 -0.25 -27.01
C ASP A 18 6.96 0.14 -25.56
N VAL A 19 6.30 -0.60 -24.66
CA VAL A 19 6.27 -0.29 -23.25
C VAL A 19 6.49 -1.58 -22.47
N LEU A 20 7.44 -1.56 -21.54
CA LEU A 20 7.64 -2.67 -20.62
C LEU A 20 7.13 -2.26 -19.24
N VAL A 21 6.26 -3.08 -18.66
CA VAL A 21 5.71 -2.87 -17.34
C VAL A 21 6.32 -3.87 -16.38
N VAL A 22 6.71 -3.41 -15.19
CA VAL A 22 7.28 -4.24 -14.15
C VAL A 22 6.23 -4.38 -13.05
N GLY A 23 5.62 -5.55 -12.95
CA GLY A 23 4.66 -5.84 -11.87
C GLY A 23 3.29 -6.18 -12.43
N ALA A 24 2.69 -7.23 -11.89
CA ALA A 24 1.37 -7.67 -12.33
C ALA A 24 0.35 -7.62 -11.20
N GLY A 25 0.49 -6.64 -10.32
CA GLY A 25 -0.56 -6.30 -9.37
C GLY A 25 -1.63 -5.47 -10.04
N PHE A 26 -2.47 -4.83 -9.23
CA PHE A 26 -3.54 -3.98 -9.73
C PHE A 26 -3.03 -2.96 -10.74
N SER A 27 -1.86 -2.38 -10.47
CA SER A 27 -1.33 -1.31 -11.32
C SER A 27 -0.88 -1.84 -12.67
N GLY A 28 -0.03 -2.87 -12.66
CA GLY A 28 0.55 -3.36 -13.90
C GLY A 28 -0.46 -3.98 -14.84
N LEU A 29 -1.48 -4.64 -14.28
CA LEU A 29 -2.51 -5.26 -15.10
C LEU A 29 -3.36 -4.23 -15.84
N TYR A 30 -3.66 -3.11 -15.17
CA TYR A 30 -4.39 -2.04 -15.83
C TYR A 30 -3.52 -1.34 -16.87
N ALA A 31 -2.23 -1.17 -16.59
CA ALA A 31 -1.33 -0.59 -17.58
C ALA A 31 -1.25 -1.44 -18.83
N LEU A 32 -1.15 -2.76 -18.65
CA LEU A 32 -1.13 -3.67 -19.78
C LEU A 32 -2.45 -3.61 -20.56
N TYR A 33 -3.58 -3.68 -19.85
CA TYR A 33 -4.87 -3.59 -20.50
C TYR A 33 -5.01 -2.31 -21.31
N ARG A 34 -4.68 -1.17 -20.70
CA ARG A 34 -4.96 0.11 -21.33
C ARG A 34 -4.04 0.37 -22.51
N LEU A 35 -2.77 -0.02 -22.39
CA LEU A 35 -1.86 0.14 -23.52
C LEU A 35 -2.25 -0.77 -24.67
N ARG A 36 -2.82 -1.95 -24.38
CA ARG A 36 -3.36 -2.78 -25.43
C ARG A 36 -4.52 -2.08 -26.14
N GLU A 37 -5.41 -1.45 -25.37
CA GLU A 37 -6.52 -0.73 -25.97
C GLU A 37 -6.03 0.45 -26.81
N LEU A 38 -4.90 1.05 -26.43
CA LEU A 38 -4.36 2.21 -27.14
C LEU A 38 -3.54 1.82 -28.37
N GLY A 39 -3.53 0.56 -28.75
CA GLY A 39 -2.78 0.10 -29.91
C GLY A 39 -1.28 0.14 -29.76
N ARG A 40 -0.76 -0.18 -28.57
CA ARG A 40 0.67 -0.20 -28.32
C ARG A 40 1.11 -1.60 -27.94
N SER A 41 2.34 -1.95 -28.33
CA SER A 41 2.91 -3.20 -27.87
C SER A 41 3.36 -3.03 -26.42
N VAL A 42 3.03 -3.99 -25.58
CA VAL A 42 3.28 -3.87 -24.15
C VAL A 42 3.46 -5.26 -23.56
N HIS A 43 4.35 -5.38 -22.58
CA HIS A 43 4.61 -6.65 -21.91
C HIS A 43 4.92 -6.38 -20.44
N VAL A 44 4.66 -7.38 -19.60
CA VAL A 44 4.82 -7.25 -18.15
C VAL A 44 5.84 -8.27 -17.65
N ILE A 45 6.67 -7.85 -16.69
CA ILE A 45 7.60 -8.72 -15.99
C ILE A 45 7.18 -8.78 -14.53
N GLU A 46 7.05 -10.00 -14.00
CA GLU A 46 6.53 -10.19 -12.64
C GLU A 46 7.29 -11.30 -11.93
N THR A 47 7.82 -10.98 -10.75
CA THR A 47 8.55 -11.97 -9.95
C THR A 47 7.66 -13.14 -9.56
N ALA A 48 6.42 -12.87 -9.17
CA ALA A 48 5.51 -13.90 -8.71
C ALA A 48 5.17 -14.87 -9.83
N GLY A 49 4.58 -16.00 -9.44
CA GLY A 49 4.11 -17.00 -10.39
C GLY A 49 2.78 -16.71 -11.04
N ASP A 50 2.04 -15.72 -10.55
CA ASP A 50 0.75 -15.38 -11.12
C ASP A 50 0.42 -13.93 -10.76
N VAL A 51 -0.74 -13.47 -11.22
CA VAL A 51 -1.11 -12.07 -11.03
C VAL A 51 -1.57 -11.85 -9.59
N GLY A 52 -1.57 -10.58 -9.19
CA GLY A 52 -2.16 -10.26 -7.91
C GLY A 52 -1.42 -9.24 -7.09
N GLY A 53 -0.10 -9.13 -7.27
CA GLY A 53 0.64 -8.17 -6.49
C GLY A 53 0.62 -8.57 -5.03
N VAL A 54 0.35 -7.61 -4.14
CA VAL A 54 0.34 -7.90 -2.71
C VAL A 54 -0.71 -8.94 -2.36
N TRP A 55 -1.79 -9.02 -3.14
CA TRP A 55 -2.85 -9.99 -2.86
C TRP A 55 -2.51 -11.39 -3.36
N TYR A 56 -1.42 -11.53 -4.12
CA TYR A 56 -0.86 -12.84 -4.43
C TYR A 56 0.07 -13.32 -3.31
N TRP A 57 0.91 -12.41 -2.80
CA TRP A 57 1.95 -12.76 -1.85
C TRP A 57 1.43 -12.91 -0.42
N ASN A 58 0.47 -12.08 -0.02
CA ASN A 58 0.08 -11.98 1.39
C ASN A 58 -1.10 -12.90 1.67
N ARG A 59 -0.83 -14.20 1.63
CA ARG A 59 -1.87 -15.22 1.78
C ARG A 59 -2.07 -15.66 3.24
N TYR A 60 -1.62 -14.88 4.20
CA TYR A 60 -1.73 -15.29 5.60
C TYR A 60 -3.20 -15.25 6.03
N PRO A 61 -3.58 -16.07 7.01
CA PRO A 61 -4.98 -16.06 7.48
C PRO A 61 -5.35 -14.71 8.07
N GLY A 62 -6.51 -14.20 7.65
CA GLY A 62 -6.97 -12.90 8.11
C GLY A 62 -6.56 -11.73 7.24
N ALA A 63 -5.72 -11.95 6.23
CA ALA A 63 -5.36 -10.87 5.32
C ALA A 63 -6.62 -10.28 4.69
N ARG A 64 -6.77 -8.96 4.82
CA ARG A 64 -8.01 -8.31 4.46
C ARG A 64 -7.73 -6.84 4.19
N CYS A 65 -8.48 -6.26 3.26
CA CYS A 65 -8.30 -4.87 2.89
C CYS A 65 -8.95 -3.96 3.92
N ASP A 66 -8.39 -2.75 4.05
CA ASP A 66 -8.93 -1.78 5.01
CA ASP A 66 -8.89 -1.71 4.99
C ASP A 66 -9.82 -0.68 4.30
N ILE A 67 -10.14 -0.96 3.04
CA ILE A 67 -10.98 -0.08 2.24
C ILE A 67 -12.18 -0.89 1.78
N GLU A 68 -13.38 -0.31 1.88
CA GLU A 68 -14.59 -1.02 1.51
C GLU A 68 -14.50 -1.66 0.13
N SER A 69 -15.07 -2.86 0.00
CA SER A 69 -15.01 -3.59 -1.25
C SER A 69 -15.63 -2.80 -2.41
N ILE A 70 -16.67 -2.01 -2.14
CA ILE A 70 -17.35 -1.31 -3.23
C ILE A 70 -16.51 -0.16 -3.77
N GLU A 71 -15.50 0.30 -3.02
CA GLU A 71 -14.56 1.32 -3.46
C GLU A 71 -13.22 0.74 -3.90
N TYR A 72 -12.76 -0.34 -3.26
CA TYR A 72 -11.47 -0.96 -3.58
C TYR A 72 -11.68 -1.95 -4.72
N CYS A 73 -11.78 -1.41 -5.93
CA CYS A 73 -12.04 -2.22 -7.11
C CYS A 73 -11.73 -1.39 -8.35
N TYR A 74 -11.66 -2.08 -9.48
CA TYR A 74 -11.53 -1.41 -10.77
C TYR A 74 -12.85 -0.76 -11.17
N SER A 75 -12.75 0.34 -11.93
CA SER A 75 -13.94 0.97 -12.49
C SER A 75 -13.87 1.15 -14.00
N PHE A 76 -12.75 0.79 -14.65
CA PHE A 76 -12.60 1.04 -16.08
C PHE A 76 -13.53 0.19 -16.93
N SER A 77 -14.02 -0.93 -16.38
CA SER A 77 -14.84 -1.87 -17.14
C SER A 77 -16.25 -1.87 -16.58
N GLU A 78 -17.23 -1.51 -17.43
CA GLU A 78 -18.62 -1.60 -17.04
C GLU A 78 -19.02 -3.05 -16.77
N GLU A 79 -18.54 -3.98 -17.59
CA GLU A 79 -18.91 -5.38 -17.43
C GLU A 79 -18.44 -5.93 -16.09
N VAL A 80 -17.20 -5.60 -15.68
CA VAL A 80 -16.69 -6.06 -14.39
C VAL A 80 -17.51 -5.46 -13.26
N LEU A 81 -17.85 -4.17 -13.35
CA LEU A 81 -18.63 -3.53 -12.31
C LEU A 81 -19.98 -4.20 -12.09
N GLN A 82 -20.56 -4.76 -13.15
CA GLN A 82 -21.88 -5.39 -13.06
C GLN A 82 -21.80 -6.87 -12.72
N GLU A 83 -20.81 -7.58 -13.28
CA GLU A 83 -20.74 -9.04 -13.12
C GLU A 83 -20.26 -9.45 -11.73
N TRP A 84 -19.29 -8.72 -11.17
CA TRP A 84 -18.68 -9.16 -9.93
C TRP A 84 -19.52 -8.78 -8.72
N ASN A 85 -19.60 -9.70 -7.75
CA ASN A 85 -20.40 -9.52 -6.54
C ASN A 85 -19.48 -9.63 -5.34
N TRP A 86 -19.22 -8.50 -4.69
CA TRP A 86 -18.54 -8.53 -3.40
C TRP A 86 -19.49 -9.06 -2.33
N THR A 87 -18.89 -9.61 -1.27
CA THR A 87 -19.65 -10.32 -0.26
C THR A 87 -19.63 -9.67 1.12
N GLU A 88 -18.59 -8.93 1.46
CA GLU A 88 -18.47 -8.32 2.78
C GLU A 88 -18.09 -6.85 2.63
N ARG A 89 -18.21 -6.14 3.74
CA ARG A 89 -17.79 -4.74 3.82
C ARG A 89 -16.34 -4.59 3.41
N TYR A 90 -15.46 -5.42 3.98
CA TYR A 90 -14.04 -5.41 3.68
C TYR A 90 -13.65 -6.79 3.14
N ALA A 91 -13.19 -6.81 1.90
CA ALA A 91 -12.91 -8.07 1.22
C ALA A 91 -11.64 -8.71 1.76
N SER A 92 -11.67 -10.02 1.94
CA SER A 92 -10.49 -10.76 2.37
C SER A 92 -9.54 -10.96 1.19
N GLN A 93 -8.30 -11.30 1.52
CA GLN A 93 -7.31 -11.53 0.46
C GLN A 93 -7.73 -12.59 -0.54
N PRO A 94 -8.26 -13.75 -0.15
CA PRO A 94 -8.67 -14.72 -1.17
C PRO A 94 -9.72 -14.18 -2.13
N GLU A 95 -10.69 -13.41 -1.62
CA GLU A 95 -11.71 -12.85 -2.51
C GLU A 95 -11.11 -11.83 -3.48
N ILE A 96 -10.22 -10.96 -2.98
CA ILE A 96 -9.59 -9.96 -3.83
C ILE A 96 -8.73 -10.64 -4.89
N LEU A 97 -8.03 -11.71 -4.53
CA LEU A 97 -7.24 -12.45 -5.51
C LEU A 97 -8.13 -13.09 -6.56
N ARG A 98 -9.27 -13.66 -6.14
CA ARG A 98 -10.23 -14.17 -7.10
C ARG A 98 -10.69 -13.07 -8.06
N TYR A 99 -10.96 -11.88 -7.52
CA TYR A 99 -11.36 -10.74 -8.35
C TYR A 99 -10.30 -10.44 -9.40
N ILE A 100 -9.04 -10.34 -8.98
CA ILE A 100 -7.96 -10.00 -9.91
C ILE A 100 -7.84 -11.04 -10.99
N ASN A 101 -7.85 -12.33 -10.60
CA ASN A 101 -7.78 -13.40 -11.60
C ASN A 101 -8.96 -13.35 -12.56
N PHE A 102 -10.14 -13.00 -12.05
CA PHE A 102 -11.32 -12.82 -12.89
C PHE A 102 -11.09 -11.76 -13.96
N VAL A 103 -10.53 -10.61 -13.57
CA VAL A 103 -10.26 -9.55 -14.54
C VAL A 103 -9.22 -10.00 -15.55
N ALA A 104 -8.16 -10.65 -15.08
CA ALA A 104 -7.12 -11.14 -15.97
C ALA A 104 -7.66 -12.16 -16.96
N ASP A 105 -8.54 -13.06 -16.49
CA ASP A 105 -9.19 -14.02 -17.40
C ASP A 105 -10.03 -13.29 -18.44
N LYS A 106 -10.83 -12.33 -17.99
CA LYS A 106 -11.81 -11.69 -18.88
C LYS A 106 -11.13 -10.94 -20.02
N PHE A 107 -9.97 -10.34 -19.77
CA PHE A 107 -9.27 -9.54 -20.77
C PHE A 107 -8.01 -10.20 -21.31
N ASP A 108 -7.79 -11.48 -21.02
CA ASP A 108 -6.70 -12.27 -21.63
C ASP A 108 -5.35 -11.63 -21.33
N LEU A 109 -5.14 -11.25 -20.07
CA LEU A 109 -3.96 -10.46 -19.74
C LEU A 109 -2.71 -11.29 -19.54
N ARG A 110 -2.85 -12.59 -19.25
CA ARG A 110 -1.68 -13.40 -18.95
C ARG A 110 -0.82 -13.65 -20.18
N SER A 111 -1.39 -13.53 -21.38
CA SER A 111 -0.58 -13.70 -22.59
C SER A 111 0.45 -12.59 -22.77
N GLY A 112 0.39 -11.52 -21.99
CA GLY A 112 1.37 -10.47 -22.09
C GLY A 112 2.24 -10.33 -20.86
N ILE A 113 2.32 -11.38 -20.06
CA ILE A 113 3.03 -11.35 -18.79
C ILE A 113 4.04 -12.50 -18.75
N THR A 114 5.28 -12.18 -18.38
CA THR A 114 6.29 -13.17 -18.06
C THR A 114 6.39 -13.27 -16.54
N PHE A 115 6.05 -14.44 -16.00
CA PHE A 115 6.08 -14.67 -14.56
C PHE A 115 7.43 -15.28 -14.13
N HIS A 116 7.58 -15.43 -12.80
CA HIS A 116 8.77 -16.01 -12.20
C HIS A 116 10.06 -15.30 -12.61
N THR A 117 9.98 -13.98 -12.86
CA THR A 117 11.09 -13.23 -13.44
C THR A 117 11.23 -11.88 -12.76
N THR A 118 12.46 -11.54 -12.39
CA THR A 118 12.73 -10.33 -11.61
C THR A 118 13.59 -9.37 -12.41
N VAL A 119 13.11 -8.14 -12.59
CA VAL A 119 13.91 -7.11 -13.24
C VAL A 119 15.03 -6.67 -12.28
N THR A 120 16.26 -6.70 -12.77
CA THR A 120 17.43 -6.37 -11.97
C THR A 120 18.14 -5.10 -12.41
N ALA A 121 18.07 -4.75 -13.68
CA ALA A 121 18.78 -3.57 -14.17
C ALA A 121 18.00 -2.94 -15.32
N ALA A 122 18.07 -1.61 -15.39
CA ALA A 122 17.52 -0.86 -16.51
C ALA A 122 18.46 0.31 -16.77
N ALA A 123 18.83 0.49 -18.03
CA ALA A 123 19.70 1.59 -18.41
C ALA A 123 19.13 2.29 -19.64
N PHE A 124 19.15 3.61 -19.62
CA PHE A 124 18.60 4.42 -20.70
C PHE A 124 19.68 4.69 -21.74
N ASP A 125 19.40 4.30 -22.98
CA ASP A 125 20.28 4.56 -24.11
C ASP A 125 19.88 5.89 -24.73
N GLU A 126 20.68 6.93 -24.50
CA GLU A 126 20.35 8.24 -25.03
C GLU A 126 20.42 8.29 -26.55
N ALA A 127 21.13 7.36 -27.18
CA ALA A 127 21.28 7.38 -28.64
C ALA A 127 20.03 6.87 -29.35
N THR A 128 19.30 5.94 -28.74
CA THR A 128 18.09 5.39 -29.33
C THR A 128 16.83 5.73 -28.55
N ASN A 129 16.95 6.46 -27.43
CA ASN A 129 15.83 6.86 -26.60
C ASN A 129 15.00 5.65 -26.16
N THR A 130 15.69 4.56 -25.82
CA THR A 130 15.04 3.35 -25.35
C THR A 130 15.74 2.86 -24.08
N TRP A 131 14.97 2.15 -23.25
CA TRP A 131 15.52 1.49 -22.07
C TRP A 131 15.92 0.07 -22.42
N THR A 132 17.06 -0.36 -21.88
CA THR A 132 17.50 -1.74 -21.99
C THR A 132 17.34 -2.40 -20.63
N VAL A 133 16.48 -3.42 -20.56
CA VAL A 133 16.01 -3.95 -19.29
C VAL A 133 16.49 -5.39 -19.15
N ASP A 134 17.14 -5.68 -18.02
CA ASP A 134 17.69 -7.00 -17.76
C ASP A 134 17.00 -7.63 -16.55
N THR A 135 16.92 -8.95 -16.57
CA THR A 135 16.24 -9.74 -15.55
C THR A 135 17.24 -10.65 -14.83
N ASN A 136 16.76 -11.33 -13.79
CA ASN A 136 17.59 -12.32 -13.10
C ASN A 136 17.70 -13.63 -13.88
N HIS A 137 16.90 -13.83 -14.91
CA HIS A 137 17.11 -14.93 -15.85
C HIS A 137 18.09 -14.55 -16.95
N GLY A 138 18.63 -13.34 -16.93
CA GLY A 138 19.48 -12.88 -18.02
C GLY A 138 18.74 -12.48 -19.27
N ASP A 139 17.42 -12.26 -19.19
CA ASP A 139 16.71 -11.71 -20.34
C ASP A 139 17.16 -10.27 -20.59
N ARG A 140 17.11 -9.88 -21.85
CA ARG A 140 17.42 -8.52 -22.26
C ARG A 140 16.27 -8.01 -23.13
N ILE A 141 15.54 -7.02 -22.63
CA ILE A 141 14.39 -6.46 -23.32
C ILE A 141 14.66 -4.99 -23.61
N ARG A 142 14.33 -4.56 -24.82
CA ARG A 142 14.47 -3.16 -25.24
C ARG A 142 13.08 -2.58 -25.39
N ALA A 143 12.80 -1.52 -24.62
CA ALA A 143 11.51 -0.87 -24.64
C ALA A 143 11.70 0.64 -24.67
N ARG A 144 10.87 1.32 -25.45
CA ARG A 144 10.95 2.77 -25.49
C ARG A 144 10.56 3.37 -24.14
N TYR A 145 9.53 2.84 -23.50
CA TYR A 145 9.06 3.35 -22.22
C TYR A 145 9.07 2.25 -21.17
N LEU A 146 9.33 2.64 -19.93
CA LEU A 146 9.38 1.73 -18.79
C LEU A 146 8.41 2.21 -17.73
N ILE A 147 7.47 1.35 -17.36
CA ILE A 147 6.46 1.68 -16.35
C ILE A 147 6.73 0.82 -15.13
N MET A 148 6.99 1.46 -13.99
CA MET A 148 7.28 0.76 -12.74
C MET A 148 5.97 0.61 -11.97
N ALA A 149 5.33 -0.54 -12.14
CA ALA A 149 4.15 -0.92 -11.36
C ALA A 149 4.55 -1.93 -10.28
N SER A 150 5.68 -1.66 -9.64
CA SER A 150 6.30 -2.59 -8.72
C SER A 150 5.88 -2.35 -7.27
N GLY A 151 4.90 -1.48 -7.05
CA GLY A 151 4.33 -1.27 -5.75
C GLY A 151 5.23 -0.48 -4.83
N GLN A 152 4.70 -0.23 -3.64
CA GLN A 152 5.50 0.42 -2.57
C GLN A 152 5.50 -0.55 -1.39
N LEU A 153 4.86 -1.71 -1.54
CA LEU A 153 4.75 -2.70 -0.48
C LEU A 153 5.00 -4.10 -1.03
N SER A 154 5.91 -4.21 -2.00
CA SER A 154 6.17 -5.49 -2.64
C SER A 154 7.37 -6.19 -2.01
N PRO A 159 14.00 -8.85 7.15
CA PRO A 159 14.34 -8.51 8.53
C PRO A 159 15.76 -8.94 8.89
N ASN A 160 16.38 -8.23 9.85
CA ASN A 160 17.81 -8.46 10.15
C ASN A 160 18.04 -8.92 11.61
N PHE A 161 17.28 -9.90 12.06
CA PHE A 161 17.45 -10.39 13.45
C PHE A 161 18.67 -11.30 13.52
N PRO A 162 19.49 -11.19 14.58
CA PRO A 162 20.62 -12.12 14.73
C PRO A 162 20.12 -13.56 14.89
N GLY A 163 20.87 -14.50 14.33
CA GLY A 163 20.61 -15.91 14.50
C GLY A 163 19.36 -16.44 13.81
N LEU A 164 18.78 -15.67 12.89
CA LEU A 164 17.53 -16.10 12.25
C LEU A 164 17.67 -17.47 11.60
N LYS A 165 18.83 -17.75 10.99
CA LYS A 165 19.02 -19.01 10.29
C LYS A 165 19.09 -20.20 11.24
N ASP A 166 19.36 -19.96 12.52
CA ASP A 166 19.51 -21.03 13.50
C ASP A 166 18.20 -21.58 14.02
N PHE A 167 17.08 -20.90 13.78
CA PHE A 167 15.81 -21.37 14.32
C PHE A 167 15.49 -22.77 13.80
N ALA A 168 15.17 -23.69 14.72
CA ALA A 168 14.93 -25.08 14.37
C ALA A 168 13.49 -25.37 13.93
N GLY A 169 12.53 -24.51 14.29
CA GLY A 169 11.15 -24.74 13.93
C GLY A 169 10.81 -24.19 12.56
N ASN A 170 9.53 -23.93 12.35
CA ASN A 170 9.05 -23.43 11.06
C ASN A 170 9.04 -21.91 11.07
N LEU A 171 9.64 -21.31 10.05
CA LEU A 171 9.68 -19.87 9.89
C LEU A 171 8.74 -19.46 8.77
N TYR A 172 7.93 -18.44 9.02
CA TYR A 172 6.97 -17.95 8.04
C TYR A 172 7.07 -16.43 7.95
N HIS A 173 6.79 -15.90 6.78
CA HIS A 173 6.68 -14.46 6.54
C HIS A 173 5.28 -14.17 6.01
N THR A 174 4.60 -13.20 6.62
CA THR A 174 3.28 -12.83 6.14
C THR A 174 3.33 -12.32 4.70
N GLY A 175 4.45 -11.73 4.29
CA GLY A 175 4.58 -11.22 2.93
C GLY A 175 4.95 -12.23 1.88
N ASN A 176 5.14 -13.49 2.26
CA ASN A 176 5.36 -14.58 1.33
C ASN A 176 4.86 -15.86 1.99
N TRP A 177 3.58 -15.86 2.32
CA TRP A 177 2.97 -16.95 3.06
C TRP A 177 2.87 -18.20 2.18
N PRO A 178 2.93 -19.39 2.78
CA PRO A 178 2.73 -20.62 2.00
C PRO A 178 1.38 -20.62 1.30
N HIS A 179 1.33 -21.28 0.15
CA HIS A 179 0.09 -21.36 -0.61
C HIS A 179 -0.85 -22.44 -0.09
N GLU A 180 -0.34 -23.38 0.71
CA GLU A 180 -1.17 -24.34 1.42
C GLU A 180 -1.34 -23.88 2.85
N PRO A 181 -2.55 -23.89 3.40
CA PRO A 181 -2.78 -23.33 4.73
C PRO A 181 -1.92 -24.01 5.79
N VAL A 182 -1.50 -23.23 6.78
CA VAL A 182 -0.61 -23.68 7.84
C VAL A 182 -1.45 -23.95 9.09
N ASP A 183 -1.36 -25.16 9.64
CA ASP A 183 -2.11 -25.55 10.83
C ASP A 183 -1.22 -25.32 12.05
N PHE A 184 -1.57 -24.33 12.87
CA PHE A 184 -0.82 -24.04 14.09
C PHE A 184 -1.38 -24.76 15.32
N SER A 185 -2.25 -25.76 15.12
CA SER A 185 -2.90 -26.43 16.24
C SER A 185 -1.87 -27.03 17.19
N GLY A 186 -2.00 -26.70 18.47
CA GLY A 186 -1.13 -27.25 19.48
C GLY A 186 0.28 -26.71 19.50
N GLN A 187 0.59 -25.72 18.68
CA GLN A 187 1.96 -25.21 18.60
C GLN A 187 2.14 -24.02 19.54
N ARG A 188 3.39 -23.82 19.94
CA ARG A 188 3.84 -22.57 20.53
C ARG A 188 4.32 -21.68 19.39
N VAL A 189 3.69 -20.54 19.20
CA VAL A 189 3.91 -19.70 18.03
C VAL A 189 4.31 -18.30 18.50
N GLY A 190 5.28 -17.73 17.82
CA GLY A 190 5.65 -16.33 18.01
C GLY A 190 5.33 -15.53 16.75
N VAL A 191 4.79 -14.34 16.94
CA VAL A 191 4.58 -13.38 15.85
C VAL A 191 5.37 -12.12 16.20
N ILE A 192 6.27 -11.73 15.31
CA ILE A 192 7.05 -10.51 15.48
C ILE A 192 6.52 -9.46 14.52
N GLY A 193 6.06 -8.34 15.07
CA GLY A 193 5.52 -7.25 14.30
C GLY A 193 4.05 -7.06 14.61
N THR A 194 3.65 -5.83 14.95
CA THR A 194 2.25 -5.54 15.28
C THR A 194 1.72 -4.41 14.41
N GLY A 195 2.18 -4.33 13.18
CA GLY A 195 1.55 -3.50 12.17
C GLY A 195 0.28 -4.17 11.67
N SER A 196 -0.09 -3.85 10.43
CA SER A 196 -1.33 -4.38 9.88
C SER A 196 -1.26 -5.90 9.73
N SER A 197 -0.14 -6.41 9.23
CA SER A 197 0.00 -7.85 9.06
C SER A 197 -0.08 -8.57 10.41
N GLY A 198 0.65 -8.09 11.40
CA GLY A 198 0.62 -8.73 12.70
C GLY A 198 -0.73 -8.65 13.37
N ILE A 199 -1.40 -7.50 13.25
CA ILE A 199 -2.71 -7.34 13.89
C ILE A 199 -3.76 -8.22 13.21
N GLN A 200 -3.63 -8.45 11.91
CA GLN A 200 -4.60 -9.27 11.19
C GLN A 200 -4.33 -10.76 11.40
N VAL A 201 -3.07 -11.19 11.37
CA VAL A 201 -2.79 -12.63 11.41
C VAL A 201 -2.87 -13.18 12.84
N SER A 202 -2.61 -12.36 13.85
CA SER A 202 -2.50 -12.87 15.22
C SER A 202 -3.78 -13.47 15.75
N PRO A 203 -4.96 -12.83 15.66
CA PRO A 203 -6.17 -13.46 16.17
C PRO A 203 -6.51 -14.77 15.48
N GLN A 204 -6.09 -14.95 14.23
CA GLN A 204 -6.35 -16.23 13.55
C GLN A 204 -5.47 -17.33 14.13
N ILE A 205 -4.21 -17.02 14.42
CA ILE A 205 -3.30 -18.02 15.00
C ILE A 205 -3.72 -18.36 16.42
N ALA A 206 -4.20 -17.37 17.18
CA ALA A 206 -4.59 -17.58 18.57
C ALA A 206 -5.71 -18.61 18.70
N LYS A 207 -6.46 -18.85 17.63
CA LYS A 207 -7.54 -19.84 17.67
C LYS A 207 -7.00 -21.27 17.65
N GLN A 208 -5.86 -21.47 17.01
CA GLN A 208 -5.25 -22.80 16.89
C GLN A 208 -4.13 -23.05 17.88
N ALA A 209 -3.35 -22.04 18.23
CA ALA A 209 -2.09 -22.29 18.92
C ALA A 209 -2.30 -22.62 20.39
N ALA A 210 -1.45 -23.52 20.89
CA ALA A 210 -1.40 -23.78 22.33
C ALA A 210 -0.98 -22.53 23.08
N GLU A 211 0.06 -21.85 22.59
CA GLU A 211 0.53 -20.59 23.15
C GLU A 211 0.93 -19.66 22.01
N LEU A 212 0.55 -18.39 22.12
CA LEU A 212 0.90 -17.38 21.14
C LEU A 212 1.62 -16.25 21.84
N PHE A 213 2.82 -15.92 21.37
CA PHE A 213 3.60 -14.80 21.88
C PHE A 213 3.64 -13.72 20.82
N VAL A 214 3.16 -12.53 21.15
CA VAL A 214 3.11 -11.42 20.22
C VAL A 214 4.24 -10.46 20.61
N PHE A 215 5.25 -10.38 19.76
CA PHE A 215 6.42 -9.54 20.04
C PHE A 215 6.19 -8.16 19.46
N GLN A 216 5.95 -7.18 20.33
CA GLN A 216 5.56 -5.84 19.94
C GLN A 216 6.68 -4.86 20.26
N ARG A 217 7.01 -4.01 19.30
CA ARG A 217 7.89 -2.89 19.60
C ARG A 217 7.07 -1.63 19.80
N THR A 218 6.85 -0.85 18.74
CA THR A 218 6.00 0.33 18.84
C THR A 218 4.54 -0.07 18.71
N PRO A 219 3.70 0.20 19.71
CA PRO A 219 2.27 -0.09 19.54
C PRO A 219 1.62 0.89 18.57
N HIS A 220 0.75 0.38 17.72
CA HIS A 220 0.08 1.15 16.69
C HIS A 220 -1.36 1.44 17.08
N PHE A 221 -1.91 2.50 16.50
CA PHE A 221 -3.33 2.78 16.65
C PHE A 221 -4.13 1.84 15.76
N ALA A 222 -5.19 1.24 16.31
CA ALA A 222 -6.06 0.37 15.54
C ALA A 222 -7.49 0.56 16.01
N VAL A 223 -8.41 0.64 15.06
CA VAL A 223 -9.83 0.84 15.37
C VAL A 223 -10.60 -0.35 14.82
N PRO A 224 -11.77 -0.67 15.39
CA PRO A 224 -12.51 -1.84 14.91
C PRO A 224 -12.91 -1.72 13.45
N ALA A 225 -12.91 -2.87 12.76
CA ALA A 225 -13.37 -2.88 11.38
C ALA A 225 -14.87 -2.96 11.28
N ARG A 226 -15.52 -3.67 12.22
CA ARG A 226 -16.95 -3.98 12.15
C ARG A 226 -17.31 -4.50 10.76
N ASN A 227 -16.53 -5.46 10.29
CA ASN A 227 -16.84 -6.12 9.03
C ASN A 227 -18.18 -6.84 9.13
N ALA A 228 -18.90 -6.90 8.01
CA ALA A 228 -20.21 -7.51 7.96
C ALA A 228 -20.49 -7.93 6.53
N PRO A 229 -21.39 -8.89 6.31
CA PRO A 229 -21.80 -9.21 4.94
C PRO A 229 -22.42 -8.01 4.26
N LEU A 230 -22.29 -7.99 2.93
CA LEU A 230 -22.81 -6.91 2.11
C LEU A 230 -24.26 -7.21 1.75
N ASP A 231 -25.15 -6.26 2.03
CA ASP A 231 -26.56 -6.41 1.67
C ASP A 231 -26.70 -6.51 0.16
N PRO A 232 -27.23 -7.62 -0.39
CA PRO A 232 -27.25 -7.75 -1.86
C PRO A 232 -28.20 -6.79 -2.54
N GLU A 233 -29.31 -6.36 -1.89
CA GLU A 233 -30.16 -5.32 -2.48
C GLU A 233 -29.50 -3.95 -2.41
N PHE A 234 -28.62 -3.73 -1.44
CA PHE A 234 -27.80 -2.52 -1.44
C PHE A 234 -26.84 -2.53 -2.62
N LEU A 235 -26.24 -3.68 -2.91
CA LEU A 235 -25.33 -3.78 -4.02
C LEU A 235 -26.07 -3.65 -5.36
N ALA A 236 -27.23 -4.32 -5.47
CA ALA A 236 -28.03 -4.24 -6.69
C ALA A 236 -28.38 -2.80 -7.02
N ASP A 237 -28.80 -2.03 -6.01
CA ASP A 237 -29.05 -0.60 -6.23
C ASP A 237 -27.76 0.14 -6.59
N LEU A 238 -26.62 -0.29 -6.05
CA LEU A 238 -25.36 0.39 -6.34
C LEU A 238 -24.94 0.20 -7.79
N LYS A 239 -25.14 -1.01 -8.33
CA LYS A 239 -24.65 -1.31 -9.66
C LYS A 239 -25.37 -0.50 -10.73
N LYS A 240 -26.59 -0.06 -10.48
CA LYS A 240 -27.29 0.76 -11.46
C LYS A 240 -26.89 2.22 -11.42
N ARG A 241 -26.16 2.65 -10.39
CA ARG A 241 -25.60 4.00 -10.34
C ARG A 241 -24.08 3.97 -10.12
N TYR A 242 -23.43 2.88 -10.52
CA TYR A 242 -22.03 2.68 -10.13
C TYR A 242 -21.11 3.75 -10.72
N ALA A 243 -21.35 4.14 -11.98
CA ALA A 243 -20.48 5.13 -12.61
C ALA A 243 -20.56 6.47 -11.90
N GLU A 244 -21.76 6.89 -11.50
CA GLU A 244 -21.90 8.09 -10.71
C GLU A 244 -21.24 7.95 -9.35
N PHE A 245 -21.46 6.81 -8.69
CA PHE A 245 -20.87 6.55 -7.37
C PHE A 245 -19.34 6.67 -7.43
N ARG A 246 -18.73 6.24 -8.54
CA ARG A 246 -17.28 6.29 -8.65
C ARG A 246 -16.79 7.71 -8.88
N GLU A 247 -17.52 8.50 -9.67
CA GLU A 247 -17.11 9.88 -9.89
C GLU A 247 -17.20 10.69 -8.60
N GLU A 248 -18.18 10.39 -7.74
CA GLU A 248 -18.20 11.00 -6.42
C GLU A 248 -16.93 10.65 -5.65
N SER A 249 -16.51 9.37 -5.70
CA SER A 249 -15.28 8.97 -5.04
C SER A 249 -14.08 9.71 -5.61
N ARG A 250 -14.08 9.93 -6.93
CA ARG A 250 -12.98 10.64 -7.57
C ARG A 250 -12.91 12.10 -7.14
N ASN A 251 -13.97 12.64 -6.54
CA ASN A 251 -14.02 14.04 -6.16
C ASN A 251 -13.86 14.24 -4.66
N THR A 252 -13.25 13.29 -3.97
CA THR A 252 -12.96 13.36 -2.54
C THR A 252 -11.46 13.45 -2.32
N PRO A 253 -11.02 13.90 -1.13
CA PRO A 253 -9.58 13.88 -0.87
C PRO A 253 -9.02 12.48 -0.67
N GLY A 254 -9.82 11.53 -0.19
CA GLY A 254 -9.33 10.19 0.06
C GLY A 254 -9.59 9.20 -1.05
N GLY A 255 -10.22 9.63 -2.15
CA GLY A 255 -10.56 8.70 -3.20
C GLY A 255 -11.62 7.71 -2.82
N THR A 256 -12.41 8.01 -1.80
CA THR A 256 -13.50 7.15 -1.35
C THR A 256 -14.52 8.00 -0.61
N HIS A 257 -15.72 7.46 -0.48
CA HIS A 257 -16.76 8.17 0.25
C HIS A 257 -16.43 8.22 1.73
N ARG A 258 -16.45 9.42 2.29
CA ARG A 258 -16.09 9.62 3.69
C ARG A 258 -16.61 10.99 4.12
N TYR A 259 -17.37 11.01 5.21
CA TYR A 259 -17.88 12.26 5.75
C TYR A 259 -16.73 13.14 6.21
N GLN A 260 -16.77 14.41 5.82
CA GLN A 260 -15.76 15.39 6.22
C GLN A 260 -16.35 16.21 7.37
N GLY A 261 -16.02 15.80 8.60
CA GLY A 261 -16.48 16.48 9.79
C GLY A 261 -16.11 17.94 9.79
N PRO A 262 -17.12 18.81 9.87
CA PRO A 262 -16.86 20.26 9.75
C PRO A 262 -16.39 20.92 11.03
N LYS A 263 -16.59 20.31 12.19
CA LYS A 263 -16.21 20.92 13.45
C LYS A 263 -14.76 20.61 13.80
N SER A 264 -14.11 21.55 14.48
CA SER A 264 -12.83 21.27 15.09
C SER A 264 -13.02 20.37 16.31
N ALA A 265 -12.04 19.51 16.57
CA ALA A 265 -12.12 18.63 17.73
C ALA A 265 -12.00 19.39 19.05
N LEU A 266 -11.60 20.66 19.02
CA LEU A 266 -11.42 21.46 20.22
C LEU A 266 -12.63 22.31 20.58
N GLU A 267 -13.65 22.35 19.73
CA GLU A 267 -14.80 23.23 19.95
C GLU A 267 -15.98 22.52 20.59
N VAL A 268 -16.00 21.20 20.64
CA VAL A 268 -17.12 20.46 21.22
C VAL A 268 -16.85 20.19 22.69
N SER A 269 -17.88 19.77 23.41
CA SER A 269 -17.73 19.41 24.81
C SER A 269 -17.11 18.02 24.95
N ASP A 270 -16.84 17.64 26.20
CA ASP A 270 -16.36 16.29 26.46
C ASP A 270 -17.41 15.25 26.08
N GLU A 271 -18.67 15.51 26.44
CA GLU A 271 -19.73 14.54 26.19
C GLU A 271 -20.01 14.40 24.69
N GLU A 272 -19.91 15.51 23.94
CA GLU A 272 -20.18 15.44 22.50
C GLU A 272 -19.04 14.73 21.77
N LEU A 273 -17.80 15.02 22.14
CA LEU A 273 -16.68 14.30 21.55
C LEU A 273 -16.81 12.80 21.78
N VAL A 274 -17.13 12.41 23.01
CA VAL A 274 -17.39 11.01 23.30
C VAL A 274 -18.54 10.49 22.45
N GLU A 275 -19.59 11.30 22.30
CA GLU A 275 -20.77 10.85 21.56
C GLU A 275 -20.47 10.66 20.08
N THR A 276 -19.78 11.65 19.46
CA THR A 276 -19.46 11.55 18.05
C THR A 276 -18.46 10.44 17.79
N LEU A 277 -17.39 10.37 18.60
CA LEU A 277 -16.36 9.37 18.38
C LEU A 277 -16.87 7.96 18.65
N GLU A 278 -17.76 7.81 19.64
CA GLU A 278 -18.34 6.49 19.91
C GLU A 278 -19.20 6.01 18.76
N ARG A 279 -19.87 6.93 18.05
CA ARG A 279 -20.67 6.54 16.90
C ARG A 279 -19.78 6.03 15.76
N TYR A 280 -18.62 6.66 15.57
CA TYR A 280 -17.63 6.12 14.65
C TYR A 280 -17.11 4.77 15.13
N TRP A 281 -16.82 4.66 16.43
CA TRP A 281 -16.27 3.42 16.97
C TRP A 281 -17.21 2.24 16.73
N GLN A 282 -18.52 2.45 16.86
CA GLN A 282 -19.47 1.36 16.67
C GLN A 282 -19.70 1.06 15.19
N GLU A 283 -19.66 2.08 14.34
CA GLU A 283 -19.82 1.85 12.91
C GLU A 283 -18.59 1.17 12.32
N GLY A 284 -17.41 1.56 12.77
CA GLY A 284 -16.17 0.93 12.35
C GLY A 284 -15.62 1.53 11.06
N GLY A 285 -14.38 1.16 10.76
CA GLY A 285 -13.71 1.64 9.58
C GLY A 285 -12.83 2.84 9.87
N PRO A 286 -12.12 3.32 8.86
CA PRO A 286 -11.18 4.43 9.05
C PRO A 286 -11.79 5.82 8.94
N ASP A 287 -13.12 5.93 8.75
CA ASP A 287 -13.74 7.23 8.57
C ASP A 287 -13.56 8.15 9.77
N ILE A 288 -13.26 7.58 10.95
CA ILE A 288 -13.00 8.38 12.15
C ILE A 288 -11.84 9.34 11.94
N LEU A 289 -10.96 9.07 10.97
CA LEU A 289 -9.89 10.01 10.64
C LEU A 289 -10.44 11.40 10.31
N ALA A 290 -11.66 11.46 9.77
CA ALA A 290 -12.28 12.72 9.37
C ALA A 290 -13.47 13.08 10.25
N ALA A 291 -13.49 12.59 11.49
CA ALA A 291 -14.56 12.96 12.41
C ALA A 291 -14.57 14.45 12.67
N TYR A 292 -13.38 15.05 12.76
CA TYR A 292 -13.23 16.48 12.99
C TYR A 292 -12.19 17.02 12.01
N ARG A 293 -12.39 18.26 11.57
CA ARG A 293 -11.65 18.79 10.43
C ARG A 293 -10.15 18.93 10.70
N ASP A 294 -9.75 19.03 11.97
CA ASP A 294 -8.37 19.37 12.32
C ASP A 294 -7.62 18.22 12.97
N ILE A 295 -8.10 16.98 12.83
CA ILE A 295 -7.49 15.85 13.51
C ILE A 295 -6.03 15.69 13.10
N LEU A 296 -5.73 15.90 11.83
CA LEU A 296 -4.39 15.72 11.31
C LEU A 296 -3.62 17.03 11.15
N ARG A 297 -4.15 18.13 11.63
CA ARG A 297 -3.54 19.44 11.44
C ARG A 297 -3.21 20.15 12.74
N ASP A 298 -3.97 19.93 13.80
CA ASP A 298 -3.74 20.55 15.10
C ASP A 298 -3.40 19.47 16.10
N ARG A 299 -2.29 19.65 16.83
CA ARG A 299 -1.82 18.60 17.73
C ARG A 299 -2.71 18.42 18.95
N ASP A 300 -3.31 19.50 19.45
CA ASP A 300 -4.24 19.36 20.55
C ASP A 300 -5.48 18.59 20.12
N ALA A 301 -5.98 18.86 18.92
CA ALA A 301 -7.14 18.12 18.42
C ALA A 301 -6.78 16.65 18.22
N ASN A 302 -5.57 16.38 17.75
CA ASN A 302 -5.13 14.99 17.58
C ASN A 302 -5.09 14.25 18.91
N GLU A 303 -4.46 14.85 19.92
CA GLU A 303 -4.35 14.20 21.22
C GLU A 303 -5.71 13.94 21.84
N ARG A 304 -6.69 14.81 21.58
CA ARG A 304 -8.02 14.61 22.13
C ARG A 304 -8.68 13.37 21.54
N VAL A 305 -8.59 13.19 20.22
CA VAL A 305 -9.12 11.98 19.60
C VAL A 305 -8.25 10.78 19.99
N ALA A 306 -6.93 10.96 20.00
CA ALA A 306 -6.02 9.88 20.36
C ALA A 306 -6.34 9.35 21.76
N GLU A 307 -6.59 10.24 22.72
CA GLU A 307 -6.88 9.80 24.08
C GLU A 307 -8.20 9.05 24.15
N PHE A 308 -9.16 9.36 23.29
CA PHE A 308 -10.39 8.56 23.23
C PHE A 308 -10.07 7.13 22.83
N ILE A 309 -9.17 6.96 21.86
CA ILE A 309 -8.82 5.62 21.39
C ILE A 309 -8.03 4.87 22.44
N ARG A 310 -7.07 5.56 23.10
CA ARG A 310 -6.28 4.92 24.15
C ARG A 310 -7.16 4.35 25.24
N ASN A 311 -8.23 5.06 25.60
CA ASN A 311 -9.10 4.59 26.68
C ASN A 311 -10.00 3.45 26.22
N LYS A 312 -10.34 3.38 24.94
CA LYS A 312 -11.02 2.20 24.43
C LYS A 312 -10.14 0.95 24.53
N ILE A 313 -8.83 1.12 24.35
CA ILE A 313 -7.91 -0.01 24.50
C ILE A 313 -7.86 -0.48 25.95
N ARG A 314 -7.61 0.46 26.88
CA ARG A 314 -7.61 0.12 28.30
C ARG A 314 -8.94 -0.52 28.73
N ASN A 315 -10.03 -0.17 28.05
CA ASN A 315 -11.34 -0.68 28.43
C ASN A 315 -11.58 -2.10 27.92
N THR A 316 -10.99 -2.46 26.79
CA THR A 316 -11.21 -3.78 26.21
C THR A 316 -10.29 -4.84 26.79
N VAL A 317 -9.05 -4.48 27.12
CA VAL A 317 -8.09 -5.42 27.70
C VAL A 317 -8.29 -5.42 29.21
N ARG A 318 -8.59 -6.60 29.76
CA ARG A 318 -8.93 -6.70 31.18
C ARG A 318 -7.72 -6.49 32.07
N ASP A 319 -6.57 -7.01 31.68
CA ASP A 319 -5.34 -6.78 32.44
C ASP A 319 -4.88 -5.35 32.26
N PRO A 320 -4.89 -4.52 33.31
CA PRO A 320 -4.43 -3.12 33.15
C PRO A 320 -2.99 -3.00 32.72
N GLU A 321 -2.13 -3.93 33.14
CA GLU A 321 -0.72 -3.87 32.78
C GLU A 321 -0.51 -4.24 31.31
N VAL A 322 -1.25 -5.24 30.83
CA VAL A 322 -1.19 -5.56 29.41
C VAL A 322 -1.79 -4.43 28.58
N ALA A 323 -2.90 -3.87 29.06
CA ALA A 323 -3.60 -2.83 28.30
C ALA A 323 -2.71 -1.63 28.04
N GLU A 324 -1.96 -1.19 29.06
CA GLU A 324 -1.17 0.03 28.89
C GLU A 324 -0.06 -0.15 27.87
N ARG A 325 0.55 -1.34 27.83
CA ARG A 325 1.60 -1.58 26.86
C ARG A 325 1.06 -1.64 25.43
N LEU A 326 -0.24 -1.88 25.25
CA LEU A 326 -0.86 -1.80 23.94
C LEU A 326 -1.24 -0.37 23.54
N VAL A 327 -1.27 0.54 24.50
CA VAL A 327 -1.70 1.92 24.26
C VAL A 327 -0.58 2.67 23.53
N PRO A 328 -0.83 3.21 22.34
CA PRO A 328 0.22 3.95 21.63
C PRO A 328 0.45 5.32 22.25
N LYS A 329 1.73 5.68 22.38
CA LYS A 329 2.12 6.93 23.02
C LYS A 329 3.27 7.56 22.25
N GLY A 330 3.28 8.90 22.22
CA GLY A 330 4.42 9.66 21.76
C GLY A 330 4.38 10.10 20.31
N TYR A 331 3.39 9.66 19.54
CA TYR A 331 3.29 10.05 18.14
C TYR A 331 1.82 10.18 17.76
N PRO A 332 1.51 10.98 16.74
CA PRO A 332 0.12 11.39 16.51
C PRO A 332 -0.73 10.31 15.90
N PHE A 333 -2.01 10.37 16.22
CA PHE A 333 -2.99 9.47 15.63
C PHE A 333 -3.20 9.77 14.16
N GLY A 334 -3.24 8.71 13.35
CA GLY A 334 -3.61 8.81 11.96
C GLY A 334 -2.53 9.28 11.02
N THR A 335 -1.32 9.58 11.52
CA THR A 335 -0.25 10.00 10.62
C THR A 335 0.29 8.82 9.81
N LYS A 336 0.58 7.71 10.48
CA LYS A 336 0.75 6.44 9.76
C LYS A 336 -0.62 5.83 9.48
N ARG A 337 -0.69 5.03 8.42
CA ARG A 337 -1.99 4.60 7.91
C ARG A 337 -2.77 3.82 8.96
N LEU A 338 -4.05 4.14 9.08
CA LEU A 338 -4.86 3.62 10.19
C LEU A 338 -5.20 2.15 9.97
N ILE A 339 -4.90 1.34 10.97
CA ILE A 339 -5.13 -0.10 10.91
C ILE A 339 -6.54 -0.40 11.40
N LEU A 340 -7.22 -1.31 10.71
CA LEU A 340 -8.49 -1.85 11.17
C LEU A 340 -8.23 -3.21 11.80
N GLU A 341 -8.75 -3.41 13.01
CA GLU A 341 -8.53 -4.65 13.75
C GLU A 341 -9.84 -5.39 13.93
N ILE A 342 -9.76 -6.73 13.95
CA ILE A 342 -10.90 -7.59 14.21
C ILE A 342 -10.50 -8.50 15.37
N ASP A 343 -11.01 -8.20 16.58
CA ASP A 343 -10.77 -9.00 17.77
C ASP A 343 -9.29 -9.08 18.12
N TYR A 344 -8.52 -8.03 17.79
CA TYR A 344 -7.10 -8.05 18.13
C TYR A 344 -6.88 -7.69 19.60
N TYR A 345 -7.53 -6.61 20.05
CA TYR A 345 -7.41 -6.23 21.45
C TYR A 345 -8.12 -7.24 22.35
N GLU A 346 -9.26 -7.78 21.90
CA GLU A 346 -9.91 -8.86 22.63
C GLU A 346 -9.02 -10.09 22.74
N MET A 347 -8.08 -10.26 21.81
CA MET A 347 -7.22 -11.44 21.80
C MET A 347 -6.35 -11.53 23.04
N PHE A 348 -6.00 -10.39 23.63
CA PHE A 348 -5.08 -10.40 24.77
C PHE A 348 -5.77 -10.74 26.08
N ASN A 349 -7.09 -10.91 26.09
CA ASN A 349 -7.79 -11.47 27.24
C ASN A 349 -7.81 -12.99 27.22
N ARG A 350 -7.29 -13.61 26.17
CA ARG A 350 -7.20 -15.06 26.10
C ARG A 350 -6.08 -15.58 27.00
N ASP A 351 -6.28 -16.79 27.54
CA ASP A 351 -5.30 -17.39 28.43
C ASP A 351 -4.06 -17.88 27.69
N ASN A 352 -4.15 -18.08 26.37
CA ASN A 352 -3.03 -18.62 25.60
C ASN A 352 -2.30 -17.55 24.78
N VAL A 353 -2.52 -16.27 25.10
CA VAL A 353 -1.95 -15.16 24.34
C VAL A 353 -1.11 -14.31 25.29
N HIS A 354 0.12 -13.99 24.87
CA HIS A 354 1.05 -13.23 25.69
C HIS A 354 1.66 -12.10 24.88
N LEU A 355 1.57 -10.90 25.43
CA LEU A 355 2.16 -9.71 24.82
C LEU A 355 3.59 -9.56 25.30
N VAL A 356 4.55 -9.56 24.37
CA VAL A 356 5.96 -9.42 24.71
C VAL A 356 6.39 -8.02 24.29
N ASP A 357 6.76 -7.19 25.27
CA ASP A 357 7.13 -5.81 25.04
C ASP A 357 8.63 -5.75 24.75
N THR A 358 9.00 -5.69 23.47
CA THR A 358 10.41 -5.67 23.09
C THR A 358 11.05 -4.28 23.26
N LEU A 359 10.27 -3.24 23.57
CA LEU A 359 10.89 -1.98 23.97
C LEU A 359 11.56 -2.10 25.32
N SER A 360 10.90 -2.72 26.28
CA SER A 360 11.49 -2.92 27.60
C SER A 360 12.53 -4.03 27.60
N ALA A 361 12.34 -5.07 26.79
CA ALA A 361 13.30 -6.17 26.71
C ALA A 361 13.55 -6.50 25.24
N PRO A 362 14.57 -5.90 24.64
CA PRO A 362 14.77 -6.07 23.20
C PRO A 362 15.20 -7.49 22.85
N ILE A 363 14.91 -7.86 21.60
CA ILE A 363 15.35 -9.14 21.09
C ILE A 363 16.86 -9.11 20.90
N GLU A 364 17.55 -10.07 21.49
CA GLU A 364 18.99 -10.20 21.33
C GLU A 364 19.36 -11.11 20.18
N THR A 365 18.67 -12.24 20.04
CA THR A 365 18.94 -13.16 18.95
C THR A 365 17.80 -14.17 18.84
N ILE A 366 17.57 -14.63 17.60
CA ILE A 366 16.81 -15.86 17.41
C ILE A 366 17.71 -17.03 17.82
N THR A 367 17.12 -18.02 18.46
CA THR A 367 17.87 -19.19 18.92
C THR A 367 17.32 -20.42 18.22
N PRO A 368 18.00 -21.58 18.28
CA PRO A 368 17.40 -22.80 17.75
C PRO A 368 16.02 -23.09 18.32
N ARG A 369 15.80 -22.81 19.60
CA ARG A 369 14.52 -23.09 20.25
C ARG A 369 13.48 -22.00 20.05
N GLY A 370 13.90 -20.76 19.82
CA GLY A 370 12.93 -19.69 19.67
C GLY A 370 13.52 -18.30 19.62
N VAL A 371 13.16 -17.46 20.59
CA VAL A 371 13.55 -16.05 20.64
C VAL A 371 14.06 -15.73 22.03
N ARG A 372 15.24 -15.14 22.13
CA ARG A 372 15.78 -14.68 23.41
C ARG A 372 15.76 -13.16 23.42
N THR A 373 15.04 -12.59 24.39
CA THR A 373 15.13 -11.17 24.68
C THR A 373 16.20 -10.95 25.75
N SER A 374 16.38 -9.70 26.16
CA SER A 374 17.35 -9.41 27.21
C SER A 374 16.91 -9.93 28.57
N GLU A 375 15.70 -10.46 28.70
CA GLU A 375 15.20 -11.00 29.96
C GLU A 375 14.88 -12.47 29.92
N ARG A 376 14.52 -13.04 28.76
CA ARG A 376 13.84 -14.32 28.77
C ARG A 376 14.04 -15.03 27.43
N GLU A 377 14.13 -16.36 27.49
CA GLU A 377 14.12 -17.17 26.28
C GLU A 377 12.73 -17.76 26.07
N TYR A 378 12.22 -17.65 24.84
CA TYR A 378 10.89 -18.13 24.48
C TYR A 378 11.04 -19.36 23.59
N GLU A 379 10.47 -20.48 24.02
CA GLU A 379 10.48 -21.70 23.23
C GLU A 379 9.29 -21.70 22.28
N LEU A 380 9.56 -21.86 20.98
CA LEU A 380 8.55 -21.75 19.93
C LEU A 380 8.70 -22.89 18.93
N ASP A 381 7.57 -23.43 18.46
CA ASP A 381 7.59 -24.35 17.34
C ASP A 381 7.57 -23.63 16.00
N SER A 382 6.93 -22.46 15.94
CA SER A 382 6.83 -21.68 14.71
C SER A 382 7.07 -20.21 15.02
N LEU A 383 7.65 -19.51 14.05
CA LEU A 383 7.95 -18.09 14.16
C LEU A 383 7.37 -17.39 12.94
N VAL A 384 6.54 -16.37 13.18
CA VAL A 384 5.90 -15.61 12.12
C VAL A 384 6.50 -14.21 12.12
N LEU A 385 7.11 -13.83 11.00
CA LEU A 385 7.60 -12.47 10.82
C LEU A 385 6.52 -11.68 10.09
N ALA A 386 5.84 -10.81 10.82
CA ALA A 386 4.80 -9.95 10.22
C ALA A 386 5.48 -8.69 9.76
N THR A 387 5.99 -8.73 8.53
CA THR A 387 6.86 -7.69 7.97
C THR A 387 6.07 -6.45 7.60
N THR A 393 10.49 3.15 -1.65
CA THR A 393 11.40 2.95 -2.78
C THR A 393 11.95 1.53 -2.79
N GLY A 394 11.36 0.64 -2.01
CA GLY A 394 11.86 -0.70 -1.79
C GLY A 394 12.18 -1.52 -3.01
N ALA A 395 11.14 -1.90 -3.78
CA ALA A 395 11.32 -2.64 -5.04
C ALA A 395 12.26 -1.92 -6.00
N LEU A 396 12.15 -0.61 -6.08
CA LEU A 396 13.00 0.18 -7.01
C LEU A 396 14.47 0.09 -6.61
N PHE A 397 14.79 0.18 -5.32
CA PHE A 397 16.20 0.23 -4.92
C PHE A 397 16.95 -1.07 -5.21
N LYS A 398 16.23 -2.17 -5.36
CA LYS A 398 16.84 -3.48 -5.68
C LYS A 398 17.07 -3.59 -7.19
N ILE A 399 16.62 -2.60 -7.97
CA ILE A 399 16.85 -2.56 -9.40
C ILE A 399 17.94 -1.54 -9.67
N ASP A 400 18.95 -1.92 -10.44
CA ASP A 400 19.99 -0.99 -10.87
C ASP A 400 19.47 -0.21 -12.07
N ILE A 401 18.72 0.84 -11.79
CA ILE A 401 18.18 1.74 -12.81
C ILE A 401 19.19 2.87 -13.04
N ARG A 402 19.61 3.04 -14.29
CA ARG A 402 20.61 4.03 -14.66
C ARG A 402 20.08 4.90 -15.79
N GLY A 403 20.15 6.23 -15.60
CA GLY A 403 19.62 7.15 -16.60
C GLY A 403 20.66 7.98 -17.33
N VAL A 404 20.41 9.29 -17.45
CA VAL A 404 21.31 10.16 -18.18
C VAL A 404 22.64 10.28 -17.45
N GLY A 405 23.74 10.15 -18.19
CA GLY A 405 25.05 10.12 -17.57
C GLY A 405 25.31 8.89 -16.74
N ASN A 406 24.48 7.86 -16.88
CA ASN A 406 24.60 6.60 -16.13
C ASN A 406 24.48 6.84 -14.62
N VAL A 407 23.78 7.90 -14.22
CA VAL A 407 23.54 8.15 -12.81
C VAL A 407 22.53 7.13 -12.28
N ALA A 408 22.74 6.69 -11.04
CA ALA A 408 21.88 5.69 -10.42
C ALA A 408 20.68 6.34 -9.74
N LEU A 409 19.50 5.75 -9.92
CA LEU A 409 18.28 6.26 -9.30
C LEU A 409 18.39 6.24 -7.78
N LYS A 410 19.05 5.20 -7.24
CA LYS A 410 19.21 5.04 -5.79
C LYS A 410 20.08 6.15 -5.21
N GLU A 411 21.13 6.55 -5.95
CA GLU A 411 21.95 7.70 -5.55
C GLU A 411 21.12 8.97 -5.55
N LYS A 412 20.37 9.23 -6.62
CA LYS A 412 19.58 10.45 -6.68
C LYS A 412 18.48 10.45 -5.62
N TRP A 413 17.90 9.29 -5.34
CA TRP A 413 16.81 9.18 -4.38
C TRP A 413 17.29 8.83 -2.97
N ALA A 414 18.57 9.05 -2.68
CA ALA A 414 19.10 8.73 -1.36
C ALA A 414 18.35 9.50 -0.27
N ALA A 415 18.28 10.82 -0.41
CA ALA A 415 17.57 11.67 0.56
C ALA A 415 16.06 11.49 0.53
N GLY A 416 15.54 10.56 -0.27
CA GLY A 416 14.12 10.52 -0.56
C GLY A 416 13.89 10.69 -2.04
N PRO A 417 12.69 10.27 -2.53
CA PRO A 417 12.43 10.23 -3.98
C PRO A 417 12.05 11.60 -4.52
N ARG A 418 12.93 12.19 -5.30
CA ARG A 418 12.64 13.46 -5.95
C ARG A 418 11.98 13.20 -7.30
N THR A 419 10.79 13.75 -7.50
CA THR A 419 10.02 13.51 -8.71
C THR A 419 9.30 14.78 -9.13
N TYR A 420 8.75 14.74 -10.33
CA TYR A 420 7.73 15.68 -10.78
C TYR A 420 6.39 14.94 -10.76
N LEU A 421 5.46 15.41 -9.94
CA LEU A 421 4.13 14.85 -9.78
C LEU A 421 4.12 13.42 -9.27
N GLY A 422 5.26 12.92 -8.77
CA GLY A 422 5.37 11.53 -8.39
C GLY A 422 5.42 10.55 -9.53
N LEU A 423 5.41 11.02 -10.77
CA LEU A 423 5.30 10.15 -11.94
C LEU A 423 6.62 9.94 -12.65
N SER A 424 7.51 10.93 -12.62
CA SER A 424 8.79 10.82 -13.30
C SER A 424 9.83 11.62 -12.54
N THR A 425 11.09 11.34 -12.83
CA THR A 425 12.20 12.02 -12.21
C THR A 425 13.18 12.49 -13.29
N ALA A 426 13.67 13.72 -13.13
CA ALA A 426 14.60 14.31 -14.09
C ALA A 426 15.86 13.48 -14.18
N GLY A 427 16.43 13.41 -15.39
CA GLY A 427 17.58 12.57 -15.64
C GLY A 427 17.24 11.13 -16.00
N PHE A 428 15.98 10.73 -15.88
CA PHE A 428 15.55 9.36 -16.16
C PHE A 428 14.35 9.42 -17.12
N PRO A 429 14.61 9.60 -18.42
CA PRO A 429 13.51 9.76 -19.37
C PRO A 429 12.80 8.45 -19.65
N ASN A 430 11.57 8.58 -20.15
CA ASN A 430 10.76 7.45 -20.61
C ASN A 430 10.49 6.44 -19.48
N LEU A 431 10.58 6.89 -18.24
CA LEU A 431 10.38 6.05 -17.06
C LEU A 431 9.28 6.66 -16.21
N PHE A 432 8.25 5.87 -15.90
CA PHE A 432 7.11 6.34 -15.13
C PHE A 432 6.83 5.40 -13.97
N PHE A 433 6.44 5.98 -12.84
CA PHE A 433 6.18 5.24 -11.61
C PHE A 433 4.68 5.27 -11.34
N ILE A 434 4.14 4.09 -11.11
CA ILE A 434 2.71 3.97 -10.79
C ILE A 434 2.57 3.73 -9.28
N ALA A 435 1.83 4.60 -8.62
CA ALA A 435 1.57 4.51 -7.17
C ALA A 435 2.88 4.36 -6.41
N GLY A 436 3.81 5.27 -6.68
CA GLY A 436 5.14 5.18 -6.06
C GLY A 436 5.31 6.34 -5.11
N PRO A 437 5.84 7.48 -5.53
CA PRO A 437 5.83 8.67 -4.66
C PRO A 437 4.51 9.41 -4.78
N GLY A 438 4.28 10.35 -3.84
CA GLY A 438 3.06 11.18 -3.94
C GLY A 438 1.85 10.48 -3.36
N SER A 439 1.84 9.13 -3.28
CA SER A 439 0.71 8.30 -2.87
C SER A 439 -0.49 9.17 -2.46
N PRO A 440 -1.27 9.67 -3.43
CA PRO A 440 -2.20 10.76 -3.12
C PRO A 440 -3.41 10.35 -2.28
N GLY A 441 -4.14 9.31 -2.67
CA GLY A 441 -5.39 8.92 -1.98
C GLY A 441 -5.18 7.77 -1.02
N ILE A 442 -6.04 7.63 -0.03
CA ILE A 442 -5.91 6.43 0.80
C ILE A 442 -6.59 5.23 0.15
N ASN A 443 -7.48 5.44 -0.81
CA ASN A 443 -8.00 4.34 -1.62
C ASN A 443 -7.09 4.23 -2.83
N MET A 444 -6.16 3.27 -2.79
CA MET A 444 -5.14 3.16 -3.82
C MET A 444 -5.71 2.79 -5.18
N LEU A 445 -6.90 2.18 -5.24
CA LEU A 445 -7.43 1.78 -6.54
C LEU A 445 -7.88 2.98 -7.37
N VAL A 446 -8.40 4.02 -6.71
CA VAL A 446 -8.71 5.26 -7.42
C VAL A 446 -7.43 5.95 -7.84
N SER A 447 -6.42 5.92 -6.98
CA SER A 447 -5.14 6.54 -7.30
C SER A 447 -4.42 5.79 -8.42
N ILE A 448 -4.51 4.46 -8.42
CA ILE A 448 -3.85 3.67 -9.46
C ILE A 448 -4.49 3.96 -10.82
N GLU A 449 -5.81 3.91 -10.89
CA GLU A 449 -6.47 4.14 -12.18
C GLU A 449 -6.12 5.52 -12.74
N GLN A 450 -6.05 6.53 -11.87
CA GLN A 450 -5.67 7.86 -12.34
C GLN A 450 -4.23 7.90 -12.86
N HIS A 451 -3.30 7.23 -12.17
CA HIS A 451 -1.90 7.22 -12.59
C HIS A 451 -1.73 6.47 -13.92
N VAL A 452 -2.37 5.31 -14.03
CA VAL A 452 -2.20 4.51 -15.26
C VAL A 452 -2.78 5.25 -16.44
N GLU A 453 -3.98 5.82 -16.27
CA GLU A 453 -4.62 6.57 -17.35
C GLU A 453 -3.77 7.76 -17.77
N TRP A 454 -3.22 8.49 -16.80
CA TRP A 454 -2.38 9.64 -17.13
C TRP A 454 -1.12 9.19 -17.87
N VAL A 455 -0.46 8.15 -17.36
CA VAL A 455 0.80 7.72 -17.94
C VAL A 455 0.59 7.17 -19.34
N THR A 456 -0.41 6.29 -19.51
CA THR A 456 -0.60 5.68 -20.82
C THR A 456 -1.16 6.67 -21.84
N ASP A 457 -1.97 7.64 -21.39
CA ASP A 457 -2.38 8.72 -22.28
C ASP A 457 -1.18 9.52 -22.77
N HIS A 458 -0.24 9.80 -21.87
CA HIS A 458 0.98 10.52 -22.26
C HIS A 458 1.77 9.72 -23.29
N ILE A 459 1.92 8.42 -23.05
CA ILE A 459 2.61 7.56 -24.01
C ILE A 459 1.88 7.58 -25.35
N ALA A 460 0.55 7.47 -25.33
CA ALA A 460 -0.21 7.58 -26.57
C ALA A 460 0.03 8.92 -27.24
N TYR A 461 0.09 10.01 -26.45
CA TYR A 461 0.36 11.33 -26.99
C TYR A 461 1.72 11.39 -27.67
N MET A 462 2.73 10.75 -27.07
CA MET A 462 4.07 10.77 -27.66
C MET A 462 4.07 10.08 -29.01
N PHE A 463 3.42 8.93 -29.12
CA PHE A 463 3.37 8.21 -30.40
C PHE A 463 2.56 9.00 -31.43
N LYS A 464 1.46 9.62 -31.01
CA LYS A 464 0.63 10.39 -31.93
C LYS A 464 1.43 11.49 -32.62
N ASN A 465 2.32 12.15 -31.88
CA ASN A 465 3.04 13.32 -32.37
C ASN A 465 4.44 12.99 -32.83
N GLY A 466 4.82 11.72 -32.88
CA GLY A 466 6.14 11.37 -33.38
C GLY A 466 7.28 11.67 -32.44
N LEU A 467 7.00 11.94 -31.18
CA LEU A 467 8.03 12.20 -30.18
C LEU A 467 8.43 10.89 -29.49
N THR A 468 9.70 10.79 -29.10
CA THR A 468 10.25 9.54 -28.60
C THR A 468 10.95 9.65 -27.25
N ARG A 469 11.13 10.85 -26.71
CA ARG A 469 11.81 11.02 -25.44
C ARG A 469 11.03 11.99 -24.55
N SER A 470 10.71 11.55 -23.34
CA SER A 470 9.94 12.33 -22.38
C SER A 470 10.69 12.36 -21.05
N GLU A 471 10.96 13.56 -20.54
CA GLU A 471 11.79 13.71 -19.36
C GLU A 471 11.28 14.88 -18.53
N ALA A 472 11.21 14.68 -17.22
CA ALA A 472 10.78 15.74 -16.32
C ALA A 472 11.83 16.85 -16.26
N VAL A 473 11.36 18.10 -16.26
CA VAL A 473 12.24 19.26 -16.10
C VAL A 473 12.71 19.34 -14.66
N LEU A 474 14.03 19.42 -14.46
CA LEU A 474 14.61 19.44 -13.12
C LEU A 474 14.06 20.60 -12.29
N GLU A 475 13.97 21.79 -12.87
CA GLU A 475 13.45 22.95 -12.14
C GLU A 475 12.00 22.72 -11.70
N LYS A 476 11.20 22.05 -12.55
CA LYS A 476 9.82 21.77 -12.16
C LYS A 476 9.76 20.67 -11.11
N GLU A 477 10.67 19.70 -11.20
CA GLU A 477 10.77 18.68 -10.16
C GLU A 477 11.06 19.31 -8.80
N ASP A 478 12.01 20.26 -8.76
CA ASP A 478 12.31 20.95 -7.51
C ASP A 478 11.10 21.72 -7.01
N GLU A 479 10.41 22.42 -7.92
CA GLU A 479 9.21 23.15 -7.53
C GLU A 479 8.15 22.20 -6.98
N TRP A 480 8.02 21.01 -7.58
CA TRP A 480 7.07 20.02 -7.07
C TRP A 480 7.49 19.51 -5.70
N VAL A 481 8.80 19.26 -5.51
CA VAL A 481 9.29 18.79 -4.22
C VAL A 481 9.03 19.81 -3.13
N GLU A 482 9.32 21.10 -3.42
CA GLU A 482 9.08 22.14 -2.42
C GLU A 482 7.60 22.35 -2.16
N HIS A 483 6.75 22.11 -3.16
CA HIS A 483 5.32 22.23 -2.95
C HIS A 483 4.78 21.11 -2.08
N VAL A 484 5.31 19.89 -2.25
CA VAL A 484 4.89 18.78 -1.40
C VAL A 484 5.27 19.04 0.05
N ASN A 485 6.51 19.46 0.29
CA ASN A 485 6.96 19.77 1.64
C ASN A 485 6.10 20.85 2.29
N GLU A 486 5.64 21.81 1.49
CA GLU A 486 4.91 22.95 2.03
C GLU A 486 3.49 22.57 2.45
N ILE A 487 2.81 21.73 1.67
CA ILE A 487 1.51 21.24 2.08
C ILE A 487 1.62 20.44 3.36
N ALA A 488 2.71 19.66 3.49
CA ALA A 488 2.84 18.74 4.62
C ALA A 488 2.91 19.50 5.93
N ASP A 489 3.59 20.65 5.95
CA ASP A 489 3.78 21.39 7.19
C ASP A 489 2.51 22.02 7.72
N GLU A 490 1.42 22.00 6.95
CA GLU A 490 0.10 22.30 7.50
C GLU A 490 -0.50 21.12 8.25
N THR A 491 0.19 19.98 8.28
CA THR A 491 -0.32 18.75 8.86
C THR A 491 0.67 18.22 9.90
N LEU A 492 0.24 17.20 10.62
CA LEU A 492 1.11 16.53 11.57
C LEU A 492 1.92 15.40 10.94
N TYR A 493 1.71 15.13 9.64
CA TYR A 493 2.43 14.03 9.00
C TYR A 493 3.93 14.14 9.12
N PRO A 494 4.55 15.30 8.89
CA PRO A 494 6.01 15.39 9.04
C PRO A 494 6.52 14.88 10.39
N MET A 495 5.67 14.75 11.41
CA MET A 495 6.19 14.43 12.74
C MET A 495 6.59 12.97 12.91
N THR A 496 6.00 12.03 12.18
CA THR A 496 6.50 10.67 12.17
C THR A 496 7.48 10.50 11.02
N ALA A 497 8.70 10.03 11.34
CA ALA A 497 9.77 9.90 10.34
C ALA A 497 9.53 8.78 9.33
N SER A 498 8.38 8.10 9.35
CA SER A 498 8.11 7.05 8.39
C SER A 498 7.85 7.56 6.98
N TRP A 499 7.84 8.88 6.79
CA TRP A 499 7.74 9.48 5.46
C TRP A 499 9.01 10.26 5.11
N TYR A 500 10.10 10.01 5.82
CA TYR A 500 11.36 10.71 5.55
C TYR A 500 12.46 9.74 5.13
N ARG A 510 14.60 14.69 5.09
CA ARG A 510 14.91 15.57 3.97
C ARG A 510 13.71 15.71 3.04
N VAL A 511 13.57 14.77 2.10
CA VAL A 511 12.50 14.82 1.10
C VAL A 511 11.29 14.09 1.67
N PHE A 512 10.24 14.84 2.00
CA PHE A 512 8.98 14.25 2.42
C PHE A 512 8.31 13.60 1.22
N MET A 513 8.01 12.30 1.33
CA MET A 513 7.59 11.51 0.19
C MET A 513 6.10 11.18 0.21
N LEU A 514 5.25 12.21 0.31
CA LEU A 514 3.81 11.98 0.33
C LEU A 514 3.06 13.27 0.05
N TYR A 515 2.42 13.36 -1.11
CA TYR A 515 1.51 14.47 -1.39
C TYR A 515 0.26 14.30 -0.53
N VAL A 516 0.01 15.25 0.37
CA VAL A 516 -1.11 15.14 1.29
C VAL A 516 -2.29 16.01 0.89
N GLY A 517 -2.21 16.69 -0.24
CA GLY A 517 -3.29 17.57 -0.66
C GLY A 517 -4.58 16.88 -1.05
N GLY A 518 -4.63 15.56 -1.03
CA GLY A 518 -5.88 14.90 -1.37
C GLY A 518 -5.95 14.53 -2.84
N PHE A 519 -6.63 13.42 -3.11
CA PHE A 519 -6.63 12.89 -4.47
C PHE A 519 -7.23 13.88 -5.46
N HIS A 520 -8.38 14.47 -5.11
CA HIS A 520 -9.09 15.31 -6.06
C HIS A 520 -8.22 16.46 -6.54
N ARG A 521 -7.50 17.12 -5.62
CA ARG A 521 -6.63 18.22 -6.03
C ARG A 521 -5.43 17.71 -6.80
N TYR A 522 -4.89 16.54 -6.41
CA TYR A 522 -3.80 15.95 -7.16
C TYR A 522 -4.23 15.61 -8.59
N ARG A 523 -5.43 15.05 -8.75
CA ARG A 523 -5.94 14.79 -10.09
C ARG A 523 -6.01 16.07 -10.91
N GLN A 524 -6.43 17.17 -10.29
CA GLN A 524 -6.54 18.43 -11.01
C GLN A 524 -5.19 18.91 -11.51
N ILE A 525 -4.17 18.83 -10.66
CA ILE A 525 -2.82 19.24 -11.05
C ILE A 525 -2.35 18.44 -12.27
N CYS A 526 -2.52 17.12 -12.21
CA CYS A 526 -2.07 16.26 -13.31
C CYS A 526 -2.83 16.57 -14.60
N ASP A 527 -4.15 16.74 -14.51
CA ASP A 527 -4.94 17.07 -15.69
C ASP A 527 -4.53 18.40 -16.30
N GLU A 528 -4.16 19.36 -15.45
CA GLU A 528 -3.77 20.68 -15.96
C GLU A 528 -2.43 20.61 -16.67
N VAL A 529 -1.50 19.80 -16.16
CA VAL A 529 -0.21 19.62 -16.83
C VAL A 529 -0.42 19.02 -18.22
N ALA A 530 -1.24 17.97 -18.30
CA ALA A 530 -1.45 17.29 -19.57
C ALA A 530 -2.14 18.22 -20.58
N ALA A 531 -3.08 19.04 -20.12
CA ALA A 531 -3.80 19.93 -21.02
C ALA A 531 -2.93 21.07 -21.53
N LYS A 532 -1.87 21.38 -20.80
CA LYS A 532 -0.92 22.42 -21.26
C LYS A 532 0.30 21.73 -21.88
N GLY A 533 0.08 20.84 -22.82
CA GLY A 533 1.18 20.20 -23.53
C GLY A 533 2.21 19.55 -22.63
N TYR A 534 1.78 19.01 -21.49
CA TYR A 534 2.66 18.35 -20.53
C TYR A 534 3.74 19.31 -20.04
N GLU A 535 3.29 20.45 -19.54
CA GLU A 535 4.18 21.42 -18.91
C GLU A 535 4.95 20.77 -17.77
N GLY A 536 6.27 20.96 -17.78
CA GLY A 536 7.15 20.32 -16.82
C GLY A 536 7.90 19.12 -17.37
N PHE A 537 7.53 18.64 -18.55
CA PHE A 537 8.28 17.62 -19.26
C PHE A 537 8.93 18.24 -20.50
N VAL A 538 10.11 17.74 -20.85
CA VAL A 538 10.76 18.07 -22.11
C VAL A 538 10.48 16.92 -23.07
N LEU A 539 9.80 17.22 -24.17
CA LEU A 539 9.46 16.21 -25.18
C LEU A 539 10.29 16.45 -26.42
N THR A 540 11.08 15.45 -26.81
CA THR A 540 12.01 15.57 -27.91
C THR A 540 11.94 14.33 -28.79
N HIS A 541 12.63 14.38 -29.92
CA HIS A 541 12.79 13.21 -30.77
C HIS A 541 14.25 13.03 -31.17
PA FAD B . 1.68 -4.44 -5.67
O1A FAD B . 0.36 -5.10 -5.50
O2A FAD B . 2.72 -4.34 -4.52
O5B FAD B . 2.30 -5.22 -6.93
C5B FAD B . 3.66 -4.99 -7.34
C4B FAD B . 4.19 -6.22 -8.03
O4B FAD B . 5.46 -5.95 -8.68
C3B FAD B . 4.44 -7.42 -7.09
O3B FAD B . 3.66 -8.50 -7.60
C2B FAD B . 5.96 -7.64 -7.19
O2B FAD B . 6.22 -9.02 -7.09
C1B FAD B . 6.29 -7.07 -8.57
N9A FAD B . 7.69 -6.65 -8.69
C8A FAD B . 8.32 -5.74 -7.89
N7A FAD B . 9.58 -5.52 -8.20
C5A FAD B . 9.79 -6.36 -9.29
C6A FAD B . 10.92 -6.58 -10.11
N6A FAD B . 12.11 -6.01 -9.89
N1A FAD B . 10.79 -7.47 -11.12
C2A FAD B . 9.63 -8.08 -11.30
N3A FAD B . 8.50 -7.94 -10.60
C4A FAD B . 8.65 -7.07 -9.59
N1 FAD B . -3.91 -0.19 -0.12
C2 FAD B . -5.10 0.46 0.06
O2 FAD B . -5.39 1.54 -0.52
N3 FAD B . -6.06 -0.11 0.92
C4 FAD B . -5.91 -1.31 1.64
O4 FAD B . -6.82 -1.73 2.36
C4X FAD B . -4.66 -1.99 1.42
N5 FAD B . -4.46 -3.14 2.04
C5X FAD B . -3.25 -3.77 1.85
C6 FAD B . -3.03 -4.99 2.50
C7 FAD B . -1.83 -5.67 2.35
C7M FAD B . -1.64 -6.99 3.07
C8 FAD B . -0.83 -5.14 1.52
C8M FAD B . 0.49 -5.85 1.32
C9 FAD B . -1.04 -3.93 0.85
C9A FAD B . -2.25 -3.25 1.02
N10 FAD B . -2.52 -2.04 0.33
C10 FAD B . -3.71 -1.37 0.54
C1' FAD B . -1.51 -1.39 -0.49
C2' FAD B . -1.31 -1.99 -1.85
O2' FAD B . 0.04 -1.72 -2.25
C3' FAD B . -2.28 -1.30 -2.81
O3' FAD B . -3.62 -1.41 -2.34
C4' FAD B . -2.25 -1.98 -4.18
O4' FAD B . -2.60 -3.36 -4.00
C5' FAD B . -0.88 -1.86 -4.80
O5' FAD B . -0.94 -2.40 -6.13
P FAD B . 0.29 -2.32 -7.08
O1P FAD B . -0.10 -3.13 -8.31
O2P FAD B . 0.67 -0.94 -7.45
O3P FAD B . 1.50 -2.98 -6.28
H51A FAD B . 4.19 -4.80 -6.59
H52A FAD B . 3.69 -4.27 -7.93
H4B FAD B . 3.59 -6.48 -8.71
H3B FAD B . 4.26 -7.23 -6.20
HO3A FAD B . 4.16 -9.14 -7.80
H2B FAD B . 6.45 -7.14 -6.55
HO2A FAD B . 6.92 -9.19 -7.51
H1B FAD B . 6.10 -7.70 -9.25
H8A FAD B . 7.89 -5.31 -7.18
H61A FAD B . 12.72 -6.07 -10.50
H62A FAD B . 12.26 -5.59 -9.15
H2A FAD B . 9.59 -8.69 -12.00
HN3 FAD B . -6.80 0.32 1.02
H6 FAD B . -3.78 -5.22 3.01
HM71 FAD B . -2.08 -6.95 3.90
HM72 FAD B . -0.72 -7.14 3.21
HM73 FAD B . -2.00 -7.68 2.55
HM81 FAD B . 0.64 -5.98 0.40
HM82 FAD B . 0.46 -6.69 1.74
HM83 FAD B . 1.19 -5.35 1.68
H9 FAD B . -0.43 -3.95 0.15
H1'1 FAD B . -0.68 -1.44 -0.03
H1'2 FAD B . -1.74 -0.49 -0.60
H2' FAD B . -1.48 -2.91 -1.86
HO2' FAD B . 0.55 -2.30 -1.96
H3' FAD B . -2.06 -0.39 -2.86
HO3' FAD B . -4.13 -1.04 -2.89
H4' FAD B . -2.88 -1.58 -4.75
HO4' FAD B . -1.96 -3.85 -4.22
H5'1 FAD B . -0.26 -2.36 -4.29
H5'2 FAD B . -0.61 -0.96 -4.83
PA NAP C . 4.69 -2.15 9.48
O1A NAP C . 3.48 -1.26 9.66
O2A NAP C . 5.85 -1.34 8.88
O5B NAP C . 5.14 -2.67 11.01
C5B NAP C . 5.99 -3.79 11.18
C4B NAP C . 5.99 -4.21 12.59
O4B NAP C . 7.20 -5.09 12.87
C3B NAP C . 6.10 -3.07 13.54
O3B NAP C . 5.32 -3.41 14.71
C2B NAP C . 7.54 -2.96 13.88
O2B NAP C . 7.75 -2.23 15.09
C1B NAP C . 7.99 -4.38 13.98
N9A NAP C . 9.36 -4.55 13.83
C8A NAP C . 10.01 -4.26 12.69
N7A NAP C . 11.33 -4.55 12.85
C5A NAP C . 11.49 -5.07 14.21
C6A NAP C . 12.55 -5.53 14.98
N6A NAP C . 13.88 -5.53 14.36
N1A NAP C . 12.32 -5.95 16.24
C2A NAP C . 11.09 -5.93 16.77
N3A NAP C . 10.03 -5.50 16.07
C4A NAP C . 10.16 -5.07 14.81
O3 NAP C . 4.36 -3.50 8.52
PN NAP C . 2.85 -4.03 8.05
O1N NAP C . 2.72 -5.35 7.40
O2N NAP C . 2.05 -4.42 9.22
O5D NAP C . 2.19 -2.80 7.11
C5D NAP C . 2.95 -2.19 6.06
C4D NAP C . 2.16 -1.33 5.12
O4D NAP C . 1.36 -2.25 4.19
C3D NAP C . 1.21 -0.38 5.79
O3D NAP C . 1.40 0.99 5.29
C2D NAP C . -0.15 -0.87 5.55
O2D NAP C . -1.09 0.22 5.22
C1D NAP C . -0.09 -1.91 4.46
N1N NAP C . -0.86 -3.04 4.87
C2N NAP C . -2.25 -2.90 4.99
C3N NAP C . -3.05 -3.96 5.41
C7N NAP C . -4.57 -3.76 5.52
O7N NAP C . -5.23 -4.24 6.39
N7N NAP C . -5.26 -2.92 4.57
C4N NAP C . -2.41 -5.25 5.73
C5N NAP C . -0.95 -5.36 5.61
C6N NAP C . -0.23 -4.25 5.17
P2B NAP C . 8.14 -0.62 14.94
O1X NAP C . 9.15 -0.47 13.82
O2X NAP C . 6.84 0.10 14.60
O3X NAP C . 8.76 -0.14 16.26
H51A NAP C . 6.89 -3.55 10.90
H52A NAP C . 5.67 -4.52 10.62
H4B NAP C . 5.16 -4.68 12.74
H3B NAP C . 5.80 -2.23 13.17
HO3A NAP C . 5.58 -4.14 15.05
H2B NAP C . 8.05 -2.47 13.21
H1B NAP C . 7.79 -4.75 14.85
H8A NAP C . 9.63 -3.92 11.92
H61A NAP C . 14.01 -5.95 13.62
H62A NAP C . 14.52 -5.12 14.75
H2A NAP C . 10.96 -6.22 17.65
H51N NAP C . 3.64 -1.64 6.47
H52N NAP C . 3.36 -2.91 5.54
H4D NAP C . 2.78 -0.77 4.64
H3D NAP C . 1.38 -0.36 6.74
HO3N NAP C . 1.14 1.04 4.49
H2D NAP C . -0.48 -1.26 6.37
HO2N NAP C . -1.89 -0.04 5.37
H1D NAP C . -0.47 -1.57 3.63
H2N NAP C . -2.64 -2.08 4.78
H71N NAP C . -4.82 -2.54 3.96
H72N NAP C . -6.11 -2.81 4.64
H4N NAP C . -2.92 -5.98 5.99
H5N NAP C . -0.51 -6.15 5.82
H6N NAP C . 0.69 -4.33 5.07
O1 MES D . 4.68 21.96 -9.08
C2 MES D . 3.54 21.16 -9.33
C3 MES D . 2.29 22.00 -9.41
N4 MES D . 2.11 22.76 -8.14
C5 MES D . 3.35 23.54 -7.83
C6 MES D . 4.54 22.61 -7.83
C7 MES D . 0.92 23.67 -8.23
C8 MES D . 0.63 24.39 -6.93
S MES D . -1.08 24.80 -6.74
O1S MES D . -1.39 25.75 -7.76
O2S MES D . -1.80 23.56 -6.91
O3S MES D . -1.21 25.33 -5.42
H21 MES D . 3.67 20.61 -10.26
H22 MES D . 3.42 20.43 -8.52
H31 MES D . 1.43 21.35 -9.58
H32 MES D . 2.38 22.70 -10.25
HN4 MES D . 1.95 22.10 -7.39
H51 MES D . 3.24 24.02 -6.86
H52 MES D . 3.48 24.31 -8.58
H61 MES D . 5.45 23.18 -7.61
H62 MES D . 4.42 21.87 -7.03
H71 MES D . 0.04 23.07 -8.50
H72 MES D . 1.07 24.39 -9.02
H81 MES D . 1.23 25.31 -6.91
H82 MES D . 0.95 23.77 -6.10
C1 EDO E . -9.20 -18.24 27.38
O1 EDO E . -10.17 -17.59 28.20
C2 EDO E . -9.87 -18.92 26.21
O2 EDO E . -8.89 -19.65 25.47
H11 EDO E . -8.65 -18.98 27.97
H12 EDO E . -8.47 -17.51 27.00
HO1 EDO E . -9.71 -17.15 28.94
H21 EDO E . -10.34 -18.18 25.57
H22 EDO E . -10.64 -19.61 26.57
HO2 EDO E . -9.30 -20.10 24.72
C1 GOL F . -19.00 -2.51 21.65
O1 GOL F . -19.32 -2.89 20.32
C2 GOL F . -17.51 -2.58 21.93
O2 GOL F . -16.86 -3.38 20.93
C3 GOL F . -16.87 -1.22 21.98
O3 GOL F . -15.49 -1.32 22.32
H11 GOL F . -19.47 -3.11 22.28
H12 GOL F . -19.32 -1.59 21.82
HO1 GOL F . -18.91 -2.36 19.80
H2 GOL F . -17.39 -3.02 22.80
HO2 GOL F . -16.31 -2.87 20.53
H31 GOL F . -17.33 -0.66 22.65
H32 GOL F . -16.96 -0.78 21.10
HO3 GOL F . -15.21 -0.54 22.52
#